data_7CDV
#
_entry.id   7CDV
#
_cell.length_a   35.530
_cell.length_b   119.440
_cell.length_c   121.920
_cell.angle_alpha   90.000
_cell.angle_beta   90.000
_cell.angle_gamma   90.000
#
_symmetry.space_group_name_H-M   'P 21 21 21'
#
loop_
_entity.id
_entity.type
_entity.pdbx_description
1 polymer 'LacI-type transcription factor'
2 water water
#
_entity_poly.entity_id   1
_entity_poly.type   'polypeptide(L)'
_entity_poly.pdbx_seq_one_letter_code
;MGSSHHHHHHSSGLVPRGSHMNDTGNSGRDEAKATTGERPTLKTIAYMTGLGITTVSRALKDAPDIGAETKERVRLIAQQ
IGYQPNRAGVRLRTGKTNVIALVLSVDEELMGFTSQMVFGITEVLATTQYHLVVTPHTHAKDSMVPIRYILETGSADGVI
ISKIEPNDPRVRFMTERKMPFVTHGRSDMGIEHAYHDFDNEAYAYEAVERLAQCGRKRIAIIVPPSRFAFHDHARKGFTR
GIRDFGVSEFPLDAITIETPLDKIRDFGKRLMQSDDRPDGIVSISGSSTIALVAGFEAAGVRIGKDIDIVSKQSAEFLNW
IQPQIHTVNEDIKLAGRELAKALLARINGAPPETLQSVSRPVWSSMAPKP
;
_entity_poly.pdbx_strand_id   A,B
#
# COMPACT_ATOMS: atom_id res chain seq x y z
N ARG A 93 21.94 13.11 23.37
CA ARG A 93 21.88 14.21 22.42
C ARG A 93 20.74 15.15 22.78
N THR A 94 20.96 16.44 22.52
CA THR A 94 20.03 17.45 23.00
C THR A 94 19.75 18.50 21.93
N GLY A 95 20.71 18.70 21.02
CA GLY A 95 20.56 19.63 19.92
C GLY A 95 19.34 19.48 19.01
N LYS A 96 19.12 20.49 18.17
CA LYS A 96 18.05 20.42 17.18
C LYS A 96 18.50 19.38 16.16
N THR A 97 17.67 18.35 15.96
CA THR A 97 18.07 17.22 15.13
C THR A 97 17.58 17.34 13.69
N ASN A 98 16.58 18.18 13.47
CA ASN A 98 15.91 18.27 12.17
C ASN A 98 15.40 16.90 11.73
N VAL A 99 14.98 16.09 12.70
CA VAL A 99 14.43 14.78 12.41
C VAL A 99 13.02 14.66 12.95
N ILE A 100 12.11 14.20 12.08
CA ILE A 100 10.78 13.79 12.50
C ILE A 100 10.75 12.27 12.51
N ALA A 101 10.37 11.69 13.64
CA ALA A 101 10.28 10.23 13.74
C ALA A 101 8.85 9.77 13.52
N LEU A 102 8.66 8.96 12.47
CA LEU A 102 7.37 8.33 12.22
C LEU A 102 7.38 6.91 12.77
N VAL A 103 6.60 6.69 13.82
CA VAL A 103 6.59 5.38 14.48
C VAL A 103 5.41 4.58 13.98
N LEU A 104 5.70 3.43 13.38
CA LEU A 104 4.67 2.61 12.76
C LEU A 104 4.76 1.16 13.22
N SER A 105 3.63 0.58 13.56
CA SER A 105 3.54 -0.87 13.75
C SER A 105 3.70 -1.56 12.41
N VAL A 106 4.58 -2.57 12.36
CA VAL A 106 4.77 -3.37 11.16
C VAL A 106 3.46 -4.11 10.86
N ASP A 107 2.70 -4.39 11.92
CA ASP A 107 1.42 -5.07 11.81
C ASP A 107 0.35 -4.13 11.25
N GLU A 108 0.32 -4.01 9.94
CA GLU A 108 -0.64 -3.14 9.26
C GLU A 108 -1.55 -3.98 8.37
N GLU A 109 -2.65 -3.39 7.89
CA GLU A 109 -3.56 -4.10 7.02
C GLU A 109 -3.05 -4.08 5.57
N LEU A 110 -3.51 -5.05 4.79
CA LEU A 110 -3.11 -5.20 3.40
C LEU A 110 -3.33 -3.93 2.59
N MET A 111 -4.55 -3.40 2.65
CA MET A 111 -4.92 -2.22 1.90
C MET A 111 -4.82 -0.95 2.74
N GLY A 112 -3.72 -0.82 3.47
CA GLY A 112 -3.49 0.37 4.28
C GLY A 112 -2.98 1.56 3.49
N PHE A 113 -2.34 1.29 2.36
CA PHE A 113 -1.75 2.33 1.51
C PHE A 113 -0.88 3.29 2.34
N THR A 114 -0.10 2.70 3.25
CA THR A 114 0.70 3.44 4.22
C THR A 114 1.60 4.50 3.60
N SER A 115 2.16 4.22 2.44
CA SER A 115 3.12 5.12 1.82
C SER A 115 2.49 6.43 1.36
N GLN A 116 1.19 6.39 1.06
CA GLN A 116 0.46 7.61 0.72
C GLN A 116 0.41 8.54 1.93
N MET A 117 0.31 7.96 3.11
CA MET A 117 0.39 8.70 4.37
C MET A 117 1.79 9.29 4.53
N VAL A 118 2.79 8.46 4.27
CA VAL A 118 4.19 8.86 4.39
C VAL A 118 4.49 10.04 3.48
N PHE A 119 3.99 9.97 2.24
CA PHE A 119 4.25 11.01 1.26
C PHE A 119 3.51 12.30 1.58
N GLY A 120 2.35 12.16 2.25
CA GLY A 120 1.66 13.32 2.79
C GLY A 120 2.53 14.09 3.78
N ILE A 121 3.20 13.34 4.67
CA ILE A 121 4.13 13.95 5.62
C ILE A 121 5.29 14.65 4.91
N THR A 122 5.96 13.92 4.03
CA THR A 122 7.19 14.43 3.41
C THR A 122 6.93 15.60 2.46
N GLU A 123 5.76 15.59 1.82
CA GLU A 123 5.36 16.71 0.96
C GLU A 123 5.36 18.02 1.75
N VAL A 124 4.93 17.94 3.00
CA VAL A 124 4.89 19.10 3.88
C VAL A 124 6.29 19.45 4.38
N LEU A 125 7.06 18.41 4.74
CA LEU A 125 8.40 18.60 5.30
C LEU A 125 9.39 19.11 4.26
N ALA A 126 9.05 18.97 2.99
CA ALA A 126 9.96 19.31 1.89
C ALA A 126 10.24 20.82 1.81
N THR A 127 9.39 21.63 2.44
CA THR A 127 9.59 23.06 2.45
C THR A 127 10.23 23.46 3.77
N THR A 128 10.82 22.46 4.43
CA THR A 128 11.49 22.63 5.72
C THR A 128 12.83 21.91 5.65
N GLN A 129 13.60 21.98 6.72
CA GLN A 129 14.87 21.27 6.80
C GLN A 129 14.76 19.93 7.51
N TYR A 130 13.52 19.50 7.80
CA TYR A 130 13.31 18.27 8.54
C TYR A 130 13.42 17.01 7.67
N HIS A 131 14.05 15.97 8.22
CA HIS A 131 14.08 14.65 7.61
C HIS A 131 13.08 13.72 8.30
N LEU A 132 12.46 12.84 7.52
CA LEU A 132 11.55 11.84 8.09
C LEU A 132 12.26 10.51 8.31
N VAL A 133 12.39 10.13 9.58
CA VAL A 133 12.92 8.81 9.93
C VAL A 133 11.75 7.89 10.22
N VAL A 134 11.74 6.72 9.59
CA VAL A 134 10.68 5.74 9.84
C VAL A 134 11.17 4.72 10.85
N THR A 135 10.44 4.61 11.96
CA THR A 135 10.85 3.78 13.08
C THR A 135 9.79 2.73 13.38
N PRO A 136 10.07 1.47 13.01
CA PRO A 136 9.08 0.41 13.21
C PRO A 136 9.11 -0.20 14.60
N HIS A 137 8.00 -0.84 14.97
CA HIS A 137 7.99 -1.81 16.04
C HIS A 137 7.07 -2.92 15.56
N THR A 138 7.18 -4.10 16.16
CA THR A 138 6.57 -5.29 15.56
C THR A 138 5.14 -5.52 16.04
N HIS A 139 4.88 -5.24 17.31
CA HIS A 139 3.61 -5.64 17.91
C HIS A 139 3.26 -4.81 19.14
N ALA A 140 2.24 -5.24 19.87
CA ALA A 140 1.75 -4.51 21.03
C ALA A 140 2.77 -4.50 22.17
N LYS A 141 3.46 -5.62 22.37
CA LYS A 141 4.40 -5.76 23.48
C LYS A 141 5.63 -4.84 23.39
N ASP A 142 5.94 -4.35 22.19
CA ASP A 142 7.08 -3.45 22.04
C ASP A 142 6.65 -2.08 21.53
N SER A 143 5.37 -1.76 21.69
CA SER A 143 4.83 -0.46 21.31
C SER A 143 5.58 0.72 21.94
N MET A 144 5.93 0.58 23.22
CA MET A 144 6.60 1.66 23.94
C MET A 144 8.10 1.72 23.66
N VAL A 145 8.65 0.65 23.09
CA VAL A 145 10.09 0.54 22.86
C VAL A 145 10.64 1.68 21.99
N PRO A 146 10.06 1.92 20.79
CA PRO A 146 10.66 3.00 19.99
C PRO A 146 10.47 4.38 20.65
N ILE A 147 9.40 4.55 21.40
CA ILE A 147 9.12 5.81 22.07
C ILE A 147 10.20 6.09 23.12
N ARG A 148 10.47 5.09 23.94
CA ARG A 148 11.52 5.19 24.95
C ARG A 148 12.89 5.41 24.31
N TYR A 149 13.14 4.72 23.21
CA TYR A 149 14.43 4.84 22.51
C TYR A 149 14.66 6.24 21.97
N ILE A 150 13.62 6.86 21.41
CA ILE A 150 13.72 8.21 20.86
C ILE A 150 14.07 9.21 21.96
N LEU A 151 13.42 9.08 23.10
CA LEU A 151 13.64 10.01 24.20
C LEU A 151 14.93 9.73 24.96
N GLU A 152 15.35 8.47 24.99
CA GLU A 152 16.60 8.11 25.63
C GLU A 152 17.80 8.63 24.84
N THR A 153 17.68 8.61 23.51
CA THR A 153 18.77 9.09 22.65
C THR A 153 18.58 10.54 22.20
N GLY A 154 17.38 11.06 22.34
CA GLY A 154 17.07 12.39 21.83
C GLY A 154 17.30 12.50 20.33
N SER A 155 16.83 11.49 19.59
CA SER A 155 17.14 11.38 18.17
C SER A 155 16.12 12.07 17.25
N ALA A 156 15.08 12.66 17.83
CA ALA A 156 14.08 13.37 17.03
C ALA A 156 13.59 14.64 17.72
N ASP A 157 13.09 15.58 16.92
CA ASP A 157 12.51 16.81 17.45
C ASP A 157 11.00 16.66 17.66
N GLY A 158 10.41 15.65 17.03
CA GLY A 158 8.99 15.39 17.13
C GLY A 158 8.63 14.00 16.68
N VAL A 159 7.51 13.48 17.19
CA VAL A 159 7.14 12.09 16.94
C VAL A 159 5.72 12.00 16.37
N ILE A 160 5.52 11.10 15.42
CA ILE A 160 4.18 10.80 14.91
C ILE A 160 3.84 9.37 15.29
N ILE A 161 2.71 9.19 15.98
CA ILE A 161 2.26 7.84 16.32
C ILE A 161 0.82 7.62 15.88
N SER A 162 0.41 6.35 15.88
CA SER A 162 -0.93 5.97 15.44
C SER A 162 -1.37 4.76 16.25
N LYS A 163 -2.54 4.21 15.89
CA LYS A 163 -3.15 3.12 16.65
C LYS A 163 -3.34 3.55 18.10
N ILE A 164 -4.04 4.67 18.28
CA ILE A 164 -4.18 5.31 19.58
C ILE A 164 -5.22 4.63 20.47
N GLU A 165 -4.81 4.31 21.68
CA GLU A 165 -5.72 3.86 22.73
C GLU A 165 -6.31 5.08 23.46
N PRO A 166 -7.50 4.92 24.06
CA PRO A 166 -8.07 6.01 24.85
C PRO A 166 -7.15 6.44 25.99
N ASN A 167 -6.57 5.49 26.71
CA ASN A 167 -5.55 5.78 27.72
C ASN A 167 -4.21 5.26 27.22
N ASP A 168 -3.61 6.02 26.30
CA ASP A 168 -2.40 5.59 25.60
C ASP A 168 -1.16 6.00 26.39
N PRO A 169 -0.34 5.00 26.77
CA PRO A 169 0.88 5.22 27.55
C PRO A 169 1.93 6.05 26.82
N ARG A 170 1.91 6.04 25.49
CA ARG A 170 2.88 6.79 24.70
C ARG A 170 2.59 8.29 24.77
N VAL A 171 1.31 8.63 24.67
CA VAL A 171 0.87 10.01 24.77
C VAL A 171 1.23 10.55 26.15
N ARG A 172 0.94 9.76 27.18
CA ARG A 172 1.25 10.10 28.56
C ARG A 172 2.75 10.31 28.75
N PHE A 173 3.54 9.33 28.31
CA PHE A 173 4.99 9.37 28.43
C PHE A 173 5.62 10.57 27.72
N MET A 174 5.21 10.83 26.48
CA MET A 174 5.81 11.92 25.71
C MET A 174 5.34 13.29 26.21
N THR A 175 4.14 13.34 26.76
CA THR A 175 3.64 14.56 27.37
C THR A 175 4.48 14.93 28.60
N GLU A 176 4.69 13.96 29.48
CA GLU A 176 5.50 14.18 30.68
C GLU A 176 6.93 14.60 30.31
N ARG A 177 7.49 13.94 29.30
CA ARG A 177 8.88 14.16 28.92
C ARG A 177 9.08 15.34 27.95
N LYS A 178 7.99 16.05 27.67
CA LYS A 178 8.03 17.26 26.86
C LYS A 178 8.50 17.02 25.42
N MET A 179 8.23 15.83 24.88
CA MET A 179 8.52 15.57 23.48
C MET A 179 7.33 15.98 22.61
N PRO A 180 7.56 16.90 21.66
CA PRO A 180 6.50 17.27 20.72
C PRO A 180 6.01 16.06 19.94
N PHE A 181 4.69 15.90 19.82
CA PHE A 181 4.15 14.78 19.09
C PHE A 181 2.77 15.08 18.53
N VAL A 182 2.35 14.25 17.59
CA VAL A 182 1.02 14.33 17.03
C VAL A 182 0.51 12.90 16.87
N THR A 183 -0.78 12.70 17.08
CA THR A 183 -1.36 11.38 16.96
C THR A 183 -2.22 11.27 15.72
N HIS A 184 -2.15 10.12 15.05
CA HIS A 184 -3.11 9.81 14.00
C HIS A 184 -4.22 9.00 14.65
N GLY A 185 -5.25 9.70 15.12
CA GLY A 185 -6.21 9.13 16.03
C GLY A 185 -6.33 10.03 17.24
N ARG A 186 -7.23 9.69 18.16
CA ARG A 186 -7.49 10.55 19.32
C ARG A 186 -7.48 9.79 20.63
N SER A 187 -6.86 10.39 21.63
CA SER A 187 -6.89 9.84 22.98
C SER A 187 -8.06 10.42 23.77
N ASP A 188 -8.33 9.84 24.93
CA ASP A 188 -9.39 10.34 25.81
C ASP A 188 -8.95 10.18 27.26
N MET A 189 -7.97 10.98 27.68
CA MET A 189 -7.36 10.82 28.99
C MET A 189 -7.02 12.16 29.64
N GLY A 190 -7.68 13.21 29.18
CA GLY A 190 -7.48 14.53 29.77
C GLY A 190 -6.24 15.25 29.27
N ILE A 191 -5.64 14.74 28.21
CA ILE A 191 -4.44 15.34 27.66
C ILE A 191 -4.76 16.03 26.34
N GLU A 192 -4.52 17.33 26.29
CA GLU A 192 -4.68 18.08 25.04
C GLU A 192 -3.39 17.97 24.25
N HIS A 193 -3.46 17.31 23.09
CA HIS A 193 -2.32 17.20 22.21
C HIS A 193 -2.74 17.41 20.76
N ALA A 194 -1.78 17.70 19.90
CA ALA A 194 -2.04 17.78 18.47
C ALA A 194 -2.53 16.44 17.96
N TYR A 195 -3.55 16.45 17.11
CA TYR A 195 -3.98 15.22 16.46
C TYR A 195 -4.69 15.48 15.14
N HIS A 196 -4.76 14.42 14.33
CA HIS A 196 -5.66 14.37 13.20
C HIS A 196 -6.27 12.98 13.16
N ASP A 197 -7.57 12.90 12.92
CA ASP A 197 -8.24 11.60 12.89
C ASP A 197 -9.36 11.59 11.87
N PHE A 198 -9.80 10.38 11.52
CA PHE A 198 -10.98 10.19 10.69
C PHE A 198 -12.18 9.98 11.61
N ASP A 199 -13.34 10.52 11.23
CA ASP A 199 -14.53 10.43 12.07
C ASP A 199 -15.21 9.08 11.89
N ASN A 200 -14.66 8.05 12.54
CA ASN A 200 -15.19 6.70 12.43
C ASN A 200 -16.61 6.58 12.99
N GLU A 201 -16.94 7.39 14.00
CA GLU A 201 -18.28 7.38 14.55
C GLU A 201 -19.31 7.81 13.50
N ALA A 202 -19.06 8.94 12.87
CA ALA A 202 -19.94 9.46 11.84
C ALA A 202 -20.05 8.48 10.67
N TYR A 203 -18.92 7.85 10.34
CA TYR A 203 -18.91 6.86 9.26
C TYR A 203 -19.83 5.69 9.58
N ALA A 204 -19.68 5.13 10.78
CA ALA A 204 -20.48 3.97 11.19
C ALA A 204 -21.96 4.33 11.25
N TYR A 205 -22.25 5.52 11.76
CA TYR A 205 -23.61 6.02 11.83
C TYR A 205 -24.23 6.14 10.44
N GLU A 206 -23.53 6.81 9.54
CA GLU A 206 -24.00 7.03 8.19
C GLU A 206 -24.02 5.75 7.37
N ALA A 207 -23.18 4.79 7.76
CA ALA A 207 -23.18 3.49 7.11
C ALA A 207 -24.49 2.75 7.35
N VAL A 208 -24.94 2.76 8.59
CA VAL A 208 -26.20 2.13 8.96
C VAL A 208 -27.36 2.81 8.23
N GLU A 209 -27.33 4.14 8.20
CA GLU A 209 -28.34 4.92 7.48
C GLU A 209 -28.43 4.50 6.03
N ARG A 210 -27.28 4.44 5.37
CA ARG A 210 -27.20 4.04 3.96
C ARG A 210 -27.82 2.66 3.74
N LEU A 211 -27.49 1.72 4.63
CA LEU A 211 -28.01 0.36 4.53
C LEU A 211 -29.52 0.33 4.77
N ALA A 212 -29.98 1.14 5.72
CA ALA A 212 -31.40 1.24 6.01
C ALA A 212 -32.15 1.80 4.80
N GLN A 213 -31.55 2.78 4.14
CA GLN A 213 -32.13 3.36 2.93
C GLN A 213 -32.15 2.36 1.78
N CYS A 214 -31.31 1.33 1.87
CA CYS A 214 -31.29 0.27 0.88
C CYS A 214 -32.34 -0.79 1.18
N GLY A 215 -33.05 -0.62 2.28
CA GLY A 215 -34.09 -1.56 2.68
C GLY A 215 -33.63 -2.70 3.56
N ARG A 216 -32.34 -2.70 3.90
CA ARG A 216 -31.77 -3.78 4.72
C ARG A 216 -32.23 -3.63 6.17
N LYS A 217 -32.43 -4.78 6.83
CA LYS A 217 -33.10 -4.79 8.13
C LYS A 217 -32.23 -5.37 9.24
N ARG A 218 -31.25 -6.20 8.87
CA ARG A 218 -30.42 -6.87 9.87
C ARG A 218 -28.94 -6.62 9.57
N ILE A 219 -28.34 -5.75 10.38
CA ILE A 219 -27.02 -5.21 10.06
C ILE A 219 -25.95 -5.72 11.01
N ALA A 220 -24.84 -6.19 10.44
CA ALA A 220 -23.67 -6.58 11.22
C ALA A 220 -22.51 -5.63 10.98
N ILE A 221 -21.62 -5.52 11.96
CA ILE A 221 -20.42 -4.68 11.81
C ILE A 221 -19.16 -5.48 12.16
N ILE A 222 -18.08 -5.18 11.45
CA ILE A 222 -16.77 -5.74 11.77
C ILE A 222 -15.90 -4.63 12.32
N VAL A 223 -15.57 -4.70 13.60
CA VAL A 223 -14.89 -3.61 14.29
C VAL A 223 -13.42 -3.97 14.55
N PRO A 224 -12.59 -2.97 14.85
CA PRO A 224 -11.20 -3.23 15.27
C PRO A 224 -11.12 -3.90 16.63
N PRO A 225 -9.93 -4.34 17.04
CA PRO A 225 -9.71 -4.72 18.43
C PRO A 225 -10.22 -3.63 19.38
N SER A 226 -10.89 -4.03 20.46
CA SER A 226 -11.61 -3.08 21.29
C SER A 226 -10.71 -2.12 22.05
N ARG A 227 -9.40 -2.39 22.06
CA ARG A 227 -8.47 -1.56 22.84
C ARG A 227 -8.15 -0.23 22.15
N PHE A 228 -8.28 -0.19 20.82
CA PHE A 228 -8.01 1.05 20.09
C PHE A 228 -9.22 1.99 20.16
N ALA A 229 -8.95 3.28 20.23
CA ALA A 229 -9.99 4.28 20.40
C ALA A 229 -11.03 4.28 19.28
N PHE A 230 -10.60 4.04 18.05
CA PHE A 230 -11.52 4.14 16.92
C PHE A 230 -12.48 2.94 16.83
N HIS A 231 -12.18 1.88 17.57
CA HIS A 231 -13.18 0.84 17.81
C HIS A 231 -14.42 1.42 18.48
N ASP A 232 -14.20 2.14 19.57
CA ASP A 232 -15.26 2.70 20.37
C ASP A 232 -16.10 3.68 19.55
N HIS A 233 -15.41 4.52 18.78
CA HIS A 233 -16.07 5.48 17.90
C HIS A 233 -17.00 4.77 16.92
N ALA A 234 -16.46 3.78 16.23
CA ALA A 234 -17.23 3.00 15.26
C ALA A 234 -18.41 2.30 15.94
N ARG A 235 -18.10 1.59 17.03
CA ARG A 235 -19.12 0.92 17.83
C ARG A 235 -20.21 1.88 18.30
N LYS A 236 -19.80 3.06 18.76
CA LYS A 236 -20.72 4.08 19.23
C LYS A 236 -21.63 4.57 18.11
N GLY A 237 -21.04 4.90 16.97
CA GLY A 237 -21.79 5.38 15.83
C GLY A 237 -22.75 4.33 15.28
N PHE A 238 -22.28 3.10 15.22
CA PHE A 238 -23.07 1.98 14.73
C PHE A 238 -24.28 1.73 15.63
N THR A 239 -24.05 1.75 16.93
CA THR A 239 -25.09 1.49 17.91
C THR A 239 -26.18 2.56 17.86
N ARG A 240 -25.77 3.82 17.77
CA ARG A 240 -26.71 4.93 17.59
C ARG A 240 -27.52 4.74 16.31
N GLY A 241 -26.83 4.33 15.24
CA GLY A 241 -27.47 4.18 13.94
C GLY A 241 -28.54 3.11 13.90
N ILE A 242 -28.30 2.00 14.60
CA ILE A 242 -29.26 0.90 14.66
C ILE A 242 -30.57 1.41 15.25
N ARG A 243 -30.45 2.16 16.35
CA ARG A 243 -31.58 2.78 17.05
C ARG A 243 -32.31 3.94 16.34
N ASP A 244 -31.54 4.85 15.73
CA ASP A 244 -32.09 6.03 15.05
C ASP A 244 -32.76 5.71 13.72
N PHE A 245 -32.36 4.62 13.08
CA PHE A 245 -32.82 4.33 11.72
C PHE A 245 -33.71 3.10 11.64
N GLY A 246 -34.20 2.65 12.79
CA GLY A 246 -35.23 1.62 12.86
C GLY A 246 -34.89 0.28 12.24
N VAL A 247 -33.70 -0.22 12.55
CA VAL A 247 -33.30 -1.55 12.12
C VAL A 247 -32.76 -2.28 13.33
N SER A 248 -32.29 -3.51 13.13
CA SER A 248 -31.73 -4.28 14.24
C SER A 248 -30.32 -4.78 13.89
N GLU A 249 -29.53 -5.06 14.91
CA GLU A 249 -28.18 -5.55 14.71
C GLU A 249 -28.13 -7.07 14.61
N PHE A 250 -27.43 -7.56 13.60
CA PHE A 250 -27.07 -8.97 13.54
C PHE A 250 -25.76 -9.15 14.29
N PRO A 251 -25.80 -9.84 15.44
CA PRO A 251 -24.63 -10.00 16.30
C PRO A 251 -23.47 -10.71 15.62
N LEU A 252 -22.25 -10.26 15.91
CA LEU A 252 -21.03 -10.79 15.30
C LEU A 252 -19.85 -10.56 16.24
N ASP A 253 -19.13 -11.62 16.57
CA ASP A 253 -17.98 -11.50 17.46
C ASP A 253 -16.76 -12.27 16.97
N ALA A 254 -16.98 -13.18 16.02
CA ALA A 254 -15.95 -14.13 15.61
C ALA A 254 -14.72 -13.47 14.99
N ILE A 255 -14.92 -12.33 14.33
CA ILE A 255 -13.84 -11.67 13.62
C ILE A 255 -13.74 -10.19 13.94
N THR A 256 -12.54 -9.65 13.72
CA THR A 256 -12.30 -8.21 13.76
C THR A 256 -11.62 -7.82 12.45
N ILE A 257 -11.30 -6.53 12.29
CA ILE A 257 -10.65 -6.09 11.07
C ILE A 257 -9.17 -6.49 11.05
N GLU A 258 -8.70 -7.08 12.14
CA GLU A 258 -7.31 -7.54 12.22
C GLU A 258 -7.22 -9.06 12.13
N THR A 259 -8.37 -9.72 12.01
CA THR A 259 -8.41 -11.14 11.72
C THR A 259 -7.79 -11.39 10.35
N PRO A 260 -6.93 -12.41 10.24
CA PRO A 260 -6.33 -12.77 8.95
C PRO A 260 -7.37 -12.96 7.86
N LEU A 261 -7.04 -12.51 6.64
CA LEU A 261 -8.02 -12.39 5.56
C LEU A 261 -8.58 -13.75 5.14
N ASP A 262 -7.74 -14.77 5.15
CA ASP A 262 -8.15 -16.11 4.76
C ASP A 262 -9.26 -16.61 5.69
N LYS A 263 -9.18 -16.23 6.96
CA LYS A 263 -10.16 -16.66 7.95
C LYS A 263 -11.39 -15.77 7.92
N ILE A 264 -11.22 -14.51 7.51
CA ILE A 264 -12.35 -13.62 7.26
C ILE A 264 -13.19 -14.19 6.12
N ARG A 265 -12.53 -14.61 5.05
CA ARG A 265 -13.19 -15.17 3.90
C ARG A 265 -13.94 -16.41 4.27
N ASP A 266 -13.31 -17.32 4.96
CA ASP A 266 -13.95 -18.53 5.46
C ASP A 266 -15.19 -18.21 6.27
N PHE A 267 -15.07 -17.21 7.16
CA PHE A 267 -16.19 -16.79 8.00
C PHE A 267 -17.34 -16.25 7.16
N GLY A 268 -17.02 -15.44 6.16
CA GLY A 268 -18.04 -14.79 5.35
C GLY A 268 -18.85 -15.77 4.54
N LYS A 269 -18.21 -16.85 4.11
CA LYS A 269 -18.88 -17.90 3.36
C LYS A 269 -19.86 -18.68 4.24
N ARG A 270 -19.38 -19.14 5.39
CA ARG A 270 -20.22 -19.90 6.31
C ARG A 270 -21.41 -19.06 6.80
N LEU A 271 -21.21 -17.77 6.92
CA LEU A 271 -22.25 -16.86 7.39
C LEU A 271 -23.43 -16.84 6.42
N MET A 272 -23.13 -16.79 5.13
CA MET A 272 -24.17 -16.72 4.11
C MET A 272 -24.78 -18.08 3.76
N GLN A 273 -24.24 -19.13 4.36
CA GLN A 273 -24.72 -20.50 4.19
C GLN A 273 -25.78 -20.82 5.24
N SER A 274 -25.77 -20.03 6.32
CA SER A 274 -26.72 -20.19 7.41
C SER A 274 -28.10 -19.70 6.99
N ASP A 275 -29.11 -20.02 7.77
CA ASP A 275 -30.45 -19.49 7.54
C ASP A 275 -30.55 -18.16 8.26
N ASP A 276 -29.83 -18.04 9.37
CA ASP A 276 -29.75 -16.78 10.08
C ASP A 276 -28.56 -15.98 9.55
N ARG A 277 -28.83 -15.08 8.62
CA ARG A 277 -27.79 -14.26 8.01
C ARG A 277 -28.24 -12.81 7.93
N PRO A 278 -27.28 -11.88 8.01
CA PRO A 278 -27.57 -10.45 7.83
C PRO A 278 -27.80 -10.07 6.38
N ASP A 279 -28.49 -8.96 6.15
CA ASP A 279 -28.66 -8.45 4.79
C ASP A 279 -27.88 -7.14 4.61
N GLY A 280 -27.13 -6.75 5.64
CA GLY A 280 -26.27 -5.59 5.55
C GLY A 280 -24.99 -5.72 6.36
N ILE A 281 -23.91 -5.15 5.84
CA ILE A 281 -22.61 -5.21 6.49
C ILE A 281 -21.95 -3.84 6.55
N VAL A 282 -21.48 -3.47 7.74
CA VAL A 282 -20.62 -2.29 7.89
C VAL A 282 -19.19 -2.75 8.19
N SER A 283 -18.25 -2.35 7.33
CA SER A 283 -16.85 -2.70 7.54
C SER A 283 -16.00 -1.48 7.88
N ILE A 284 -15.09 -1.65 8.83
CA ILE A 284 -14.20 -0.58 9.23
C ILE A 284 -12.84 -0.76 8.54
N SER A 285 -12.76 -1.72 7.63
CA SER A 285 -11.52 -1.96 6.90
C SER A 285 -11.74 -2.41 5.46
N GLY A 286 -11.13 -1.68 4.53
CA GLY A 286 -11.11 -2.07 3.13
C GLY A 286 -10.54 -3.45 2.89
N SER A 287 -9.55 -3.82 3.69
CA SER A 287 -8.93 -5.14 3.59
C SER A 287 -9.92 -6.25 3.96
N SER A 288 -10.60 -6.06 5.09
CA SER A 288 -11.58 -7.04 5.56
C SER A 288 -12.72 -7.22 4.56
N THR A 289 -13.15 -6.12 3.94
CA THR A 289 -14.24 -6.13 2.98
C THR A 289 -13.92 -7.05 1.80
N ILE A 290 -12.71 -6.86 1.26
CA ILE A 290 -12.19 -7.67 0.17
C ILE A 290 -12.33 -9.16 0.49
N ALA A 291 -11.85 -9.57 1.67
CA ALA A 291 -11.95 -10.95 2.11
C ALA A 291 -13.41 -11.38 2.29
N LEU A 292 -14.22 -10.51 2.89
CA LEU A 292 -15.64 -10.79 3.12
C LEU A 292 -16.40 -11.06 1.83
N VAL A 293 -16.24 -10.16 0.86
CA VAL A 293 -16.90 -10.27 -0.44
C VAL A 293 -16.52 -11.59 -1.10
N ALA A 294 -15.24 -11.95 -1.00
CA ALA A 294 -14.73 -13.21 -1.52
C ALA A 294 -15.52 -14.39 -0.95
N GLY A 295 -15.66 -14.41 0.37
CA GLY A 295 -16.39 -15.46 1.04
C GLY A 295 -17.87 -15.46 0.69
N PHE A 296 -18.43 -14.25 0.55
CA PHE A 296 -19.83 -14.10 0.19
C PHE A 296 -20.13 -14.70 -1.18
N GLU A 297 -19.35 -14.30 -2.18
CA GLU A 297 -19.53 -14.76 -3.54
C GLU A 297 -19.29 -16.27 -3.66
N ALA A 298 -18.37 -16.78 -2.85
CA ALA A 298 -18.11 -18.22 -2.80
C ALA A 298 -19.31 -18.98 -2.26
N ALA A 299 -20.25 -18.25 -1.66
CA ALA A 299 -21.45 -18.85 -1.09
C ALA A 299 -22.67 -18.60 -1.99
N GLY A 300 -22.43 -18.00 -3.15
CA GLY A 300 -23.49 -17.75 -4.12
C GLY A 300 -24.13 -16.39 -4.02
N VAL A 301 -23.88 -15.70 -2.91
CA VAL A 301 -24.47 -14.39 -2.64
C VAL A 301 -24.02 -13.32 -3.63
N ARG A 302 -24.97 -12.50 -4.08
CA ARG A 302 -24.69 -11.41 -5.01
C ARG A 302 -24.70 -10.06 -4.31
N ILE A 303 -23.57 -9.36 -4.37
CA ILE A 303 -23.40 -8.08 -3.69
C ILE A 303 -24.33 -7.02 -4.29
N GLY A 304 -25.18 -6.45 -3.46
CA GLY A 304 -26.09 -5.41 -3.90
C GLY A 304 -27.51 -5.92 -4.11
N LYS A 305 -27.64 -7.23 -4.29
CA LYS A 305 -28.94 -7.87 -4.39
C LYS A 305 -29.32 -8.58 -3.08
N ASP A 306 -28.55 -9.59 -2.73
CA ASP A 306 -28.84 -10.41 -1.56
C ASP A 306 -28.34 -9.76 -0.27
N ILE A 307 -27.38 -8.85 -0.38
CA ILE A 307 -26.81 -8.17 0.76
C ILE A 307 -26.11 -6.91 0.29
N ASP A 308 -26.10 -5.87 1.12
CA ASP A 308 -25.35 -4.66 0.81
C ASP A 308 -24.18 -4.47 1.76
N ILE A 309 -23.10 -3.88 1.25
CA ILE A 309 -21.92 -3.62 2.04
C ILE A 309 -21.58 -2.14 2.02
N VAL A 310 -21.29 -1.59 3.19
CA VAL A 310 -20.67 -0.28 3.28
C VAL A 310 -19.27 -0.46 3.81
N SER A 311 -18.28 0.14 3.15
CA SER A 311 -16.90 -0.01 3.58
C SER A 311 -16.09 1.28 3.49
N LYS A 312 -15.25 1.48 4.48
CA LYS A 312 -14.15 2.42 4.40
C LYS A 312 -13.10 1.95 3.40
N GLN A 313 -12.33 2.88 2.86
CA GLN A 313 -11.12 2.55 2.13
C GLN A 313 -10.14 3.73 2.20
N SER A 314 -8.85 3.41 2.32
CA SER A 314 -7.83 4.43 2.51
C SER A 314 -7.27 4.88 1.16
N ALA A 315 -7.77 4.24 0.10
CA ALA A 315 -7.56 4.70 -1.26
C ALA A 315 -8.72 4.17 -2.12
N GLU A 316 -8.92 4.76 -3.29
CA GLU A 316 -10.03 4.37 -4.16
C GLU A 316 -9.71 3.07 -4.91
N PHE A 317 -10.21 1.94 -4.41
CA PHE A 317 -9.91 0.67 -5.06
C PHE A 317 -11.07 -0.34 -5.05
N LEU A 318 -11.97 -0.24 -4.09
CA LEU A 318 -13.00 -1.27 -3.89
C LEU A 318 -14.00 -1.38 -5.05
N ASN A 319 -14.30 -0.26 -5.71
CA ASN A 319 -15.37 -0.21 -6.69
C ASN A 319 -14.94 -0.65 -8.09
N TRP A 320 -13.64 -0.81 -8.30
CA TRP A 320 -13.13 -1.23 -9.60
C TRP A 320 -13.73 -2.57 -10.04
N ILE A 321 -13.55 -3.60 -9.24
CA ILE A 321 -14.11 -4.91 -9.58
C ILE A 321 -15.44 -5.13 -8.83
N GLN A 322 -15.63 -4.43 -7.73
CA GLN A 322 -16.92 -4.50 -7.02
C GLN A 322 -17.62 -3.15 -6.91
N PRO A 323 -18.27 -2.70 -7.99
CA PRO A 323 -18.93 -1.40 -8.08
C PRO A 323 -20.15 -1.28 -7.17
N GLN A 324 -20.63 -2.40 -6.62
CA GLN A 324 -21.85 -2.39 -5.82
C GLN A 324 -21.59 -2.16 -4.33
N ILE A 325 -20.32 -2.10 -3.94
CA ILE A 325 -19.97 -1.77 -2.57
C ILE A 325 -20.16 -0.28 -2.34
N HIS A 326 -20.84 0.07 -1.24
CA HIS A 326 -20.99 1.48 -0.89
C HIS A 326 -19.71 1.92 -0.18
N THR A 327 -18.97 2.81 -0.82
CA THR A 327 -17.61 3.10 -0.37
C THR A 327 -17.46 4.49 0.20
N VAL A 328 -16.72 4.57 1.30
CA VAL A 328 -16.39 5.82 1.94
C VAL A 328 -14.88 6.01 1.89
N ASN A 329 -14.44 7.17 1.40
CA ASN A 329 -13.02 7.46 1.32
C ASN A 329 -12.49 8.02 2.63
N GLU A 330 -11.41 7.42 3.12
CA GLU A 330 -10.63 8.02 4.20
C GLU A 330 -9.35 8.55 3.57
N ASP A 331 -9.16 9.87 3.63
CA ASP A 331 -8.05 10.50 2.92
C ASP A 331 -6.78 10.37 3.74
N ILE A 332 -6.00 9.33 3.42
CA ILE A 332 -4.81 8.98 4.15
C ILE A 332 -3.66 9.91 3.73
N LYS A 333 -3.74 10.41 2.50
CA LYS A 333 -2.81 11.42 2.01
C LYS A 333 -2.92 12.70 2.81
N LEU A 334 -4.15 13.22 2.88
CA LEU A 334 -4.46 14.41 3.69
C LEU A 334 -4.03 14.23 5.14
N ALA A 335 -4.29 13.06 5.69
CA ALA A 335 -3.90 12.74 7.06
C ALA A 335 -2.41 13.01 7.28
N GLY A 336 -1.58 12.47 6.39
CA GLY A 336 -0.15 12.68 6.46
C GLY A 336 0.24 14.14 6.45
N ARG A 337 -0.37 14.92 5.58
CA ARG A 337 -0.11 16.35 5.52
C ARG A 337 -0.51 17.05 6.82
N GLU A 338 -1.69 16.72 7.33
CA GLU A 338 -2.20 17.33 8.55
C GLU A 338 -1.36 16.97 9.76
N LEU A 339 -0.90 15.72 9.82
CA LEU A 339 -0.02 15.28 10.90
C LEU A 339 1.27 16.09 10.90
N ALA A 340 1.84 16.30 9.72
CA ALA A 340 3.10 17.04 9.59
C ALA A 340 2.91 18.52 9.97
N LYS A 341 1.86 19.15 9.47
CA LYS A 341 1.58 20.55 9.77
C LYS A 341 1.44 20.78 11.27
N ALA A 342 0.64 19.94 11.91
CA ALA A 342 0.37 20.06 13.33
C ALA A 342 1.65 19.91 14.15
N LEU A 343 2.45 18.90 13.80
CA LEU A 343 3.68 18.62 14.55
C LEU A 343 4.69 19.75 14.40
N LEU A 344 4.79 20.31 13.19
CA LEU A 344 5.70 21.42 12.94
C LEU A 344 5.34 22.62 13.80
N ALA A 345 4.04 22.89 13.88
CA ALA A 345 3.53 24.00 14.69
C ALA A 345 3.77 23.72 16.18
N ARG A 346 3.55 22.47 16.58
CA ARG A 346 3.77 22.06 17.97
C ARG A 346 5.24 22.23 18.36
N ILE A 347 6.14 21.80 17.48
CA ILE A 347 7.58 21.97 17.69
C ILE A 347 7.89 23.45 17.88
N ASN A 348 7.22 24.30 17.12
CA ASN A 348 7.44 25.74 17.18
C ASN A 348 6.61 26.41 18.27
N GLY A 349 5.91 25.62 19.07
CA GLY A 349 5.29 26.10 20.28
C GLY A 349 3.82 26.49 20.26
N ALA A 350 3.15 26.19 19.15
CA ALA A 350 1.70 26.46 19.06
C ALA A 350 0.92 25.63 20.07
N PRO A 351 -0.15 26.20 20.63
CA PRO A 351 -0.95 25.46 21.63
C PRO A 351 -1.65 24.25 21.02
N PRO A 352 -1.62 23.11 21.72
CA PRO A 352 -2.15 21.83 21.24
C PRO A 352 -3.61 21.91 20.79
N GLU A 353 -4.41 22.70 21.49
CA GLU A 353 -5.84 22.82 21.20
C GLU A 353 -6.12 23.36 19.79
N THR A 354 -5.17 24.10 19.23
CA THR A 354 -5.34 24.68 17.90
C THR A 354 -4.85 23.75 16.79
N LEU A 355 -4.26 22.63 17.18
CA LEU A 355 -3.66 21.72 16.21
C LEU A 355 -4.41 20.40 16.13
N GLN A 356 -5.74 20.48 16.11
CA GLN A 356 -6.58 19.29 16.12
C GLN A 356 -7.59 19.35 14.98
N SER A 357 -7.74 18.24 14.26
CA SER A 357 -8.70 18.18 13.17
C SER A 357 -9.28 16.78 12.99
N VAL A 358 -10.52 16.73 12.53
CA VAL A 358 -11.19 15.47 12.23
C VAL A 358 -11.79 15.56 10.83
N SER A 359 -11.37 14.65 9.97
CA SER A 359 -11.91 14.60 8.61
C SER A 359 -13.18 13.77 8.60
N ARG A 360 -14.17 14.19 7.83
CA ARG A 360 -15.47 13.53 7.81
C ARG A 360 -15.54 12.49 6.71
N PRO A 361 -16.44 11.50 6.87
CA PRO A 361 -16.67 10.53 5.80
C PRO A 361 -17.17 11.21 4.53
N VAL A 362 -16.62 10.83 3.38
CA VAL A 362 -17.15 11.27 2.11
C VAL A 362 -17.44 10.02 1.28
N TRP A 363 -18.61 9.99 0.66
CA TRP A 363 -18.97 8.85 -0.18
C TRP A 363 -18.13 8.90 -1.45
N SER A 364 -17.55 7.76 -1.81
CA SER A 364 -16.75 7.69 -3.01
C SER A 364 -17.65 7.97 -4.21
N SER A 365 -17.15 8.76 -5.14
CA SER A 365 -17.89 9.08 -6.34
C SER A 365 -18.11 7.85 -7.23
N MET A 366 -17.28 6.82 -7.06
CA MET A 366 -17.50 5.55 -7.75
C MET A 366 -18.54 4.69 -7.05
N ALA A 367 -18.97 5.11 -5.86
CA ALA A 367 -19.98 4.37 -5.11
C ALA A 367 -21.37 4.62 -5.69
N PRO A 368 -22.25 3.60 -5.63
CA PRO A 368 -23.63 3.73 -6.10
C PRO A 368 -24.39 4.82 -5.34
N LYS A 369 -25.21 5.59 -6.03
CA LYS A 369 -25.98 6.65 -5.40
C LYS A 369 -27.42 6.21 -5.14
N THR B 94 33.83 14.38 6.21
CA THR B 94 32.78 13.38 6.32
C THR B 94 32.70 12.82 7.74
N GLY B 95 31.66 12.02 7.98
CA GLY B 95 31.52 11.31 9.24
C GLY B 95 30.48 10.22 9.10
N LYS B 96 30.47 9.27 10.03
CA LYS B 96 29.45 8.23 10.03
C LYS B 96 28.13 8.83 10.49
N THR B 97 27.11 8.72 9.65
CA THR B 97 25.82 9.33 9.95
C THR B 97 24.86 8.32 10.57
N ASN B 98 25.17 7.04 10.38
CA ASN B 98 24.26 5.95 10.76
C ASN B 98 22.89 6.15 10.12
N VAL B 99 22.89 6.68 8.91
CA VAL B 99 21.66 6.90 8.17
C VAL B 99 21.67 6.17 6.84
N ILE B 100 20.59 5.43 6.57
CA ILE B 100 20.33 4.89 5.25
C ILE B 100 19.24 5.75 4.62
N ALA B 101 19.51 6.28 3.43
CA ALA B 101 18.51 7.07 2.73
C ALA B 101 17.78 6.22 1.70
N LEU B 102 16.46 6.11 1.88
CA LEU B 102 15.61 5.45 0.90
C LEU B 102 14.99 6.50 -0.01
N VAL B 103 15.41 6.51 -1.26
CA VAL B 103 14.95 7.53 -2.20
C VAL B 103 13.84 6.96 -3.06
N LEU B 104 12.66 7.59 -2.97
CA LEU B 104 11.47 7.09 -3.64
C LEU B 104 10.77 8.17 -4.45
N SER B 105 10.36 7.81 -5.66
CA SER B 105 9.44 8.64 -6.42
C SER B 105 8.06 8.62 -5.77
N VAL B 106 7.49 9.79 -5.56
CA VAL B 106 6.14 9.91 -5.01
C VAL B 106 5.16 9.25 -5.99
N ASP B 107 5.53 9.30 -7.27
CA ASP B 107 4.74 8.71 -8.34
C ASP B 107 4.81 7.18 -8.33
N GLU B 108 3.99 6.56 -7.49
CA GLU B 108 3.97 5.12 -7.36
C GLU B 108 2.62 4.57 -7.79
N GLU B 109 2.53 3.26 -7.98
CA GLU B 109 1.26 2.65 -8.37
C GLU B 109 0.38 2.43 -7.14
N LEU B 110 -0.93 2.35 -7.37
CA LEU B 110 -1.91 2.18 -6.30
C LEU B 110 -1.59 0.95 -5.44
N MET B 111 -1.40 -0.19 -6.11
CA MET B 111 -1.13 -1.44 -5.41
C MET B 111 0.35 -1.76 -5.34
N GLY B 112 1.16 -0.76 -4.99
CA GLY B 112 2.59 -0.97 -4.84
C GLY B 112 2.99 -1.59 -3.53
N PHE B 113 2.14 -1.43 -2.51
CA PHE B 113 2.42 -1.93 -1.16
C PHE B 113 3.82 -1.53 -0.70
N THR B 114 4.17 -0.28 -0.97
CA THR B 114 5.50 0.27 -0.74
C THR B 114 6.02 0.05 0.68
N SER B 115 5.12 0.15 1.66
CA SER B 115 5.54 0.06 3.07
C SER B 115 6.05 -1.33 3.45
N GLN B 116 5.58 -2.35 2.75
CA GLN B 116 6.07 -3.70 2.96
C GLN B 116 7.53 -3.79 2.55
N MET B 117 7.90 -3.04 1.51
CA MET B 117 9.28 -2.91 1.10
C MET B 117 10.08 -2.16 2.18
N VAL B 118 9.50 -1.10 2.70
CA VAL B 118 10.12 -0.29 3.74
C VAL B 118 10.39 -1.12 4.99
N PHE B 119 9.42 -1.95 5.36
CA PHE B 119 9.54 -2.75 6.57
C PHE B 119 10.55 -3.88 6.40
N GLY B 120 10.71 -4.36 5.17
CA GLY B 120 11.78 -5.29 4.85
C GLY B 120 13.15 -4.70 5.16
N ILE B 121 13.34 -3.44 4.77
CA ILE B 121 14.57 -2.72 5.06
C ILE B 121 14.79 -2.57 6.56
N THR B 122 13.80 -2.05 7.26
CA THR B 122 13.97 -1.71 8.68
C THR B 122 14.14 -2.95 9.56
N GLU B 123 13.49 -4.05 9.16
CA GLU B 123 13.64 -5.32 9.86
C GLU B 123 15.10 -5.76 9.90
N VAL B 124 15.81 -5.51 8.80
CA VAL B 124 17.23 -5.86 8.71
C VAL B 124 18.06 -4.87 9.51
N LEU B 125 17.71 -3.60 9.38
CA LEU B 125 18.46 -2.52 10.04
C LEU B 125 18.28 -2.56 11.56
N ALA B 126 17.26 -3.28 12.02
CA ALA B 126 16.93 -3.31 13.45
C ALA B 126 18.02 -3.98 14.28
N THR B 127 18.89 -4.74 13.63
CA THR B 127 19.99 -5.40 14.32
C THR B 127 21.27 -4.61 14.10
N THR B 128 21.11 -3.36 13.69
CA THR B 128 22.22 -2.46 13.39
C THR B 128 21.95 -1.11 14.05
N GLN B 129 22.90 -0.18 13.91
CA GLN B 129 22.70 1.15 14.46
C GLN B 129 22.19 2.16 13.43
N TYR B 130 21.83 1.67 12.24
CA TYR B 130 21.39 2.55 11.17
C TYR B 130 19.92 2.97 11.28
N HIS B 131 19.67 4.24 11.01
CA HIS B 131 18.30 4.76 10.90
C HIS B 131 17.90 4.90 9.44
N LEU B 132 16.63 4.63 9.14
CA LEU B 132 16.12 4.80 7.78
C LEU B 132 15.43 6.15 7.56
N VAL B 133 16.02 6.97 6.70
CA VAL B 133 15.40 8.22 6.29
C VAL B 133 14.72 8.02 4.94
N VAL B 134 13.45 8.40 4.85
CA VAL B 134 12.74 8.30 3.58
C VAL B 134 12.81 9.66 2.88
N THR B 135 13.36 9.65 1.68
CA THR B 135 13.62 10.87 0.94
C THR B 135 12.91 10.85 -0.39
N PRO B 136 11.80 11.60 -0.50
CA PRO B 136 11.00 11.61 -1.73
C PRO B 136 11.52 12.56 -2.80
N HIS B 137 11.09 12.31 -4.03
CA HIS B 137 11.12 13.29 -5.10
C HIS B 137 9.84 13.11 -5.89
N THR B 138 9.44 14.11 -6.66
CA THR B 138 8.09 14.13 -7.20
C THR B 138 7.98 13.45 -8.57
N HIS B 139 9.00 13.61 -9.40
CA HIS B 139 8.89 13.19 -10.79
C HIS B 139 10.25 12.95 -11.45
N ALA B 140 10.25 12.77 -12.76
CA ALA B 140 11.46 12.47 -13.49
C ALA B 140 12.44 13.65 -13.49
N LYS B 141 11.89 14.87 -13.61
CA LYS B 141 12.73 16.06 -13.70
C LYS B 141 13.55 16.38 -12.44
N ASP B 142 13.16 15.83 -11.30
CA ASP B 142 13.91 16.07 -10.07
C ASP B 142 14.48 14.77 -9.49
N SER B 143 14.58 13.75 -10.33
CA SER B 143 15.15 12.46 -9.94
C SER B 143 16.55 12.57 -9.33
N MET B 144 17.40 13.41 -9.92
CA MET B 144 18.78 13.57 -9.45
C MET B 144 18.89 14.47 -8.23
N VAL B 145 17.84 15.25 -7.95
CA VAL B 145 17.86 16.23 -6.88
C VAL B 145 18.19 15.61 -5.50
N PRO B 146 17.44 14.58 -5.07
CA PRO B 146 17.79 14.05 -3.74
C PRO B 146 19.17 13.39 -3.72
N ILE B 147 19.60 12.85 -4.85
CA ILE B 147 20.90 12.18 -4.94
C ILE B 147 22.03 13.18 -4.75
N ARG B 148 21.94 14.29 -5.47
CA ARG B 148 22.93 15.36 -5.34
C ARG B 148 22.91 15.97 -3.94
N TYR B 149 21.71 16.15 -3.39
CA TYR B 149 21.57 16.75 -2.06
C TYR B 149 22.21 15.89 -0.97
N ILE B 150 22.04 14.57 -1.06
CA ILE B 150 22.62 13.65 -0.10
C ILE B 150 24.14 13.72 -0.13
N LEU B 151 24.71 13.77 -1.32
CA LEU B 151 26.16 13.81 -1.47
C LEU B 151 26.73 15.20 -1.19
N GLU B 152 25.94 16.23 -1.44
CA GLU B 152 26.35 17.59 -1.13
C GLU B 152 26.40 17.83 0.38
N THR B 153 25.45 17.23 1.10
CA THR B 153 25.38 17.38 2.55
C THR B 153 26.07 16.25 3.31
N GLY B 154 26.32 15.13 2.62
CA GLY B 154 26.85 13.95 3.28
C GLY B 154 25.92 13.46 4.38
N SER B 155 24.63 13.43 4.07
CA SER B 155 23.61 13.14 5.08
C SER B 155 23.29 11.65 5.25
N ALA B 156 23.91 10.80 4.44
CA ALA B 156 23.69 9.36 4.57
C ALA B 156 24.98 8.57 4.35
N ASP B 157 25.01 7.35 4.89
CA ASP B 157 26.14 6.45 4.68
C ASP B 157 25.90 5.55 3.48
N GLY B 158 24.63 5.45 3.06
CA GLY B 158 24.26 4.63 1.93
C GLY B 158 22.89 4.99 1.38
N VAL B 159 22.67 4.71 0.10
CA VAL B 159 21.45 5.12 -0.57
C VAL B 159 20.76 3.93 -1.22
N ILE B 160 19.43 3.90 -1.16
CA ILE B 160 18.65 2.91 -1.89
C ILE B 160 17.83 3.62 -2.96
N ILE B 161 17.96 3.20 -4.21
CA ILE B 161 17.17 3.79 -5.28
C ILE B 161 16.43 2.71 -6.07
N SER B 162 15.45 3.15 -6.86
CA SER B 162 14.64 2.25 -7.65
C SER B 162 14.23 2.95 -8.95
N LYS B 163 13.37 2.32 -9.74
CA LYS B 163 12.98 2.81 -11.05
C LYS B 163 14.23 3.01 -11.90
N ILE B 164 15.00 1.93 -12.03
CA ILE B 164 16.32 1.97 -12.67
C ILE B 164 16.26 1.99 -14.19
N GLU B 165 16.96 2.96 -14.78
CA GLU B 165 17.20 2.99 -16.22
C GLU B 165 18.45 2.17 -16.56
N PRO B 166 18.53 1.65 -17.80
CA PRO B 166 19.74 0.94 -18.23
C PRO B 166 20.98 1.81 -18.12
N ASN B 167 20.87 3.07 -18.54
CA ASN B 167 21.94 4.04 -18.37
C ASN B 167 21.50 5.09 -17.36
N ASP B 168 21.54 4.73 -16.09
CA ASP B 168 21.00 5.53 -15.01
C ASP B 168 22.04 6.52 -14.48
N PRO B 169 21.74 7.82 -14.55
CA PRO B 169 22.65 8.89 -14.10
C PRO B 169 22.93 8.85 -12.60
N ARG B 170 22.03 8.31 -11.81
CA ARG B 170 22.21 8.26 -10.36
C ARG B 170 23.25 7.21 -9.99
N VAL B 171 23.17 6.05 -10.65
CA VAL B 171 24.13 4.97 -10.45
C VAL B 171 25.51 5.45 -10.84
N ARG B 172 25.59 6.11 -11.99
CA ARG B 172 26.83 6.68 -12.50
C ARG B 172 27.40 7.71 -11.52
N PHE B 173 26.55 8.64 -11.10
CA PHE B 173 26.93 9.69 -10.17
C PHE B 173 27.44 9.16 -8.82
N MET B 174 26.70 8.22 -8.23
CA MET B 174 27.07 7.72 -6.91
C MET B 174 28.30 6.80 -6.96
N THR B 175 28.49 6.13 -8.09
CA THR B 175 29.68 5.30 -8.29
C THR B 175 30.93 6.17 -8.32
N GLU B 176 30.90 7.23 -9.12
CA GLU B 176 32.01 8.17 -9.21
C GLU B 176 32.33 8.84 -7.87
N ARG B 177 31.28 9.22 -7.14
CA ARG B 177 31.43 9.96 -5.89
C ARG B 177 31.64 9.04 -4.68
N LYS B 178 31.77 7.73 -4.95
CA LYS B 178 32.06 6.74 -3.92
C LYS B 178 31.01 6.65 -2.81
N MET B 179 29.76 6.92 -3.15
CA MET B 179 28.67 6.72 -2.21
C MET B 179 28.15 5.29 -2.31
N PRO B 180 28.21 4.53 -1.20
CA PRO B 180 27.64 3.19 -1.19
C PRO B 180 26.16 3.23 -1.53
N PHE B 181 25.71 2.33 -2.40
CA PHE B 181 24.32 2.29 -2.79
C PHE B 181 23.89 0.91 -3.27
N VAL B 182 22.58 0.71 -3.31
CA VAL B 182 22.01 -0.51 -3.84
C VAL B 182 20.79 -0.12 -4.67
N THR B 183 20.55 -0.83 -5.76
CA THR B 183 19.42 -0.52 -6.62
C THR B 183 18.33 -1.58 -6.49
N HIS B 184 17.08 -1.15 -6.50
CA HIS B 184 15.97 -2.09 -6.64
C HIS B 184 15.63 -2.15 -8.13
N GLY B 185 16.26 -3.10 -8.81
CA GLY B 185 16.29 -3.09 -10.26
C GLY B 185 17.73 -3.20 -10.72
N ARG B 186 17.93 -3.26 -12.03
CA ARG B 186 19.26 -3.47 -12.58
C ARG B 186 19.61 -2.49 -13.70
N SER B 187 20.83 -1.99 -13.65
CA SER B 187 21.36 -1.15 -14.71
C SER B 187 22.08 -2.00 -15.75
N ASP B 188 22.42 -1.41 -16.89
CA ASP B 188 23.16 -2.10 -17.93
C ASP B 188 24.14 -1.13 -18.58
N MET B 189 25.18 -0.74 -17.85
CA MET B 189 26.07 0.32 -18.32
C MET B 189 27.53 0.03 -17.95
N GLY B 190 27.84 -1.24 -17.68
CA GLY B 190 29.20 -1.63 -17.39
C GLY B 190 29.62 -1.35 -15.95
N ILE B 191 28.66 -1.04 -15.09
CA ILE B 191 28.95 -0.74 -13.70
C ILE B 191 28.47 -1.87 -12.81
N GLU B 192 29.41 -2.47 -12.07
CA GLU B 192 29.05 -3.49 -11.09
C GLU B 192 28.67 -2.83 -9.77
N HIS B 193 27.40 -2.99 -9.39
CA HIS B 193 26.93 -2.47 -8.11
C HIS B 193 26.01 -3.48 -7.44
N ALA B 194 25.81 -3.32 -6.13
CA ALA B 194 24.85 -4.13 -5.40
C ALA B 194 23.45 -3.92 -5.97
N TYR B 195 22.70 -5.00 -6.12
CA TYR B 195 21.30 -4.87 -6.53
C TYR B 195 20.45 -6.05 -6.10
N HIS B 196 19.14 -5.81 -6.09
CA HIS B 196 18.16 -6.88 -6.02
C HIS B 196 17.05 -6.53 -6.98
N ASP B 197 16.59 -7.50 -7.75
CA ASP B 197 15.54 -7.25 -8.72
C ASP B 197 14.61 -8.45 -8.86
N PHE B 198 13.44 -8.21 -9.45
CA PHE B 198 12.53 -9.28 -9.80
C PHE B 198 12.78 -9.66 -11.26
N ASP B 199 12.69 -10.95 -11.57
CA ASP B 199 12.99 -11.42 -12.92
C ASP B 199 11.79 -11.20 -13.84
N ASN B 200 11.61 -9.95 -14.28
CA ASN B 200 10.48 -9.59 -15.13
C ASN B 200 10.50 -10.29 -16.49
N GLU B 201 11.70 -10.57 -17.00
CA GLU B 201 11.81 -11.28 -18.27
C GLU B 201 11.21 -12.68 -18.15
N ALA B 202 11.63 -13.41 -17.13
CA ALA B 202 11.13 -14.76 -16.88
C ALA B 202 9.62 -14.74 -16.63
N TYR B 203 9.15 -13.72 -15.92
CA TYR B 203 7.72 -13.58 -15.65
C TYR B 203 6.92 -13.46 -16.94
N ALA B 204 7.34 -12.53 -17.80
CA ALA B 204 6.64 -12.27 -19.06
C ALA B 204 6.67 -13.51 -19.94
N TYR B 205 7.82 -14.19 -19.96
CA TYR B 205 7.98 -15.42 -20.71
C TYR B 205 7.02 -16.50 -20.21
N GLU B 206 7.02 -16.71 -18.89
CA GLU B 206 6.17 -17.73 -18.29
C GLU B 206 4.69 -17.35 -18.34
N ALA B 207 4.41 -16.05 -18.42
CA ALA B 207 3.05 -15.56 -18.57
C ALA B 207 2.46 -15.99 -19.91
N VAL B 208 3.23 -15.81 -20.97
CA VAL B 208 2.81 -16.19 -22.31
C VAL B 208 2.57 -17.70 -22.38
N GLU B 209 3.49 -18.45 -21.80
CA GLU B 209 3.39 -19.91 -21.73
C GLU B 209 2.07 -20.33 -21.09
N ARG B 210 1.78 -19.75 -19.92
CA ARG B 210 0.55 -20.04 -19.20
C ARG B 210 -0.69 -19.75 -20.05
N LEU B 211 -0.68 -18.63 -20.75
CA LEU B 211 -1.81 -18.26 -21.59
C LEU B 211 -1.96 -19.20 -22.79
N ALA B 212 -0.83 -19.60 -23.37
CA ALA B 212 -0.83 -20.54 -24.48
C ALA B 212 -1.40 -21.89 -24.04
N GLN B 213 -1.02 -22.31 -22.84
CA GLN B 213 -1.51 -23.56 -22.28
C GLN B 213 -3.01 -23.48 -21.97
N CYS B 214 -3.52 -22.25 -21.84
CA CYS B 214 -4.94 -22.03 -21.62
C CYS B 214 -5.70 -22.03 -22.95
N GLY B 215 -4.96 -22.19 -24.05
CA GLY B 215 -5.56 -22.21 -25.37
C GLY B 215 -5.65 -20.86 -26.05
N ARG B 216 -5.16 -19.82 -25.39
CA ARG B 216 -5.24 -18.47 -25.95
C ARG B 216 -4.25 -18.30 -27.09
N LYS B 217 -4.64 -17.52 -28.09
CA LYS B 217 -3.90 -17.47 -29.35
C LYS B 217 -3.38 -16.07 -29.69
N ARG B 218 -4.04 -15.05 -29.16
CA ARG B 218 -3.68 -13.67 -29.48
C ARG B 218 -3.44 -12.87 -28.21
N ILE B 219 -2.17 -12.60 -27.91
CA ILE B 219 -1.76 -12.10 -26.61
C ILE B 219 -1.29 -10.65 -26.67
N ALA B 220 -1.80 -9.83 -25.77
CA ALA B 220 -1.33 -8.45 -25.62
C ALA B 220 -0.60 -8.28 -24.28
N ILE B 221 0.31 -7.32 -24.23
CA ILE B 221 1.03 -7.03 -22.99
C ILE B 221 0.94 -5.54 -22.65
N ILE B 222 0.88 -5.23 -21.37
CA ILE B 222 0.94 -3.85 -20.89
C ILE B 222 2.26 -3.62 -20.16
N VAL B 223 3.14 -2.83 -20.74
CA VAL B 223 4.48 -2.66 -20.21
C VAL B 223 4.63 -1.28 -19.57
N PRO B 224 5.67 -1.10 -18.74
CA PRO B 224 5.97 0.24 -18.22
C PRO B 224 6.49 1.18 -19.30
N PRO B 225 6.66 2.47 -18.97
CA PRO B 225 7.38 3.39 -19.87
C PRO B 225 8.72 2.78 -20.31
N SER B 226 9.05 2.96 -21.58
CA SER B 226 10.16 2.25 -22.20
C SER B 226 11.53 2.64 -21.64
N ARG B 227 11.58 3.70 -20.85
CA ARG B 227 12.85 4.21 -20.34
C ARG B 227 13.41 3.39 -19.18
N PHE B 228 12.53 2.70 -18.44
CA PHE B 228 12.98 1.88 -17.33
C PHE B 228 13.47 0.51 -17.80
N ALA B 229 14.50 0.00 -17.15
CA ALA B 229 15.13 -1.27 -17.55
C ALA B 229 14.17 -2.45 -17.53
N PHE B 230 13.25 -2.49 -16.56
CA PHE B 230 12.39 -3.66 -16.43
C PHE B 230 11.30 -3.68 -17.50
N HIS B 231 11.09 -2.56 -18.19
CA HIS B 231 10.32 -2.56 -19.42
C HIS B 231 10.95 -3.51 -20.45
N ASP B 232 12.23 -3.32 -20.68
CA ASP B 232 12.97 -4.08 -21.69
C ASP B 232 12.97 -5.56 -21.34
N HIS B 233 13.18 -5.87 -20.06
CA HIS B 233 13.14 -7.24 -19.58
C HIS B 233 11.80 -7.90 -19.89
N ALA B 234 10.72 -7.25 -19.47
CA ALA B 234 9.37 -7.75 -19.71
C ALA B 234 9.11 -7.89 -21.20
N ARG B 235 9.41 -6.83 -21.94
CA ARG B 235 9.28 -6.83 -23.39
C ARG B 235 10.07 -8.00 -24.02
N LYS B 236 11.27 -8.23 -23.51
CA LYS B 236 12.12 -9.33 -24.00
C LYS B 236 11.50 -10.70 -23.74
N GLY B 237 11.07 -10.93 -22.50
CA GLY B 237 10.48 -12.20 -22.13
C GLY B 237 9.21 -12.49 -22.91
N PHE B 238 8.40 -11.46 -23.08
CA PHE B 238 7.14 -11.57 -23.82
C PHE B 238 7.39 -11.92 -25.28
N THR B 239 8.34 -11.24 -25.89
CA THR B 239 8.67 -11.44 -27.30
C THR B 239 9.19 -12.86 -27.57
N ARG B 240 10.11 -13.33 -26.73
CA ARG B 240 10.57 -14.71 -26.82
C ARG B 240 9.42 -15.69 -26.65
N GLY B 241 8.54 -15.40 -25.70
CA GLY B 241 7.43 -16.27 -25.39
C GLY B 241 6.43 -16.42 -26.52
N ILE B 242 6.17 -15.34 -27.23
CA ILE B 242 5.25 -15.34 -28.36
C ILE B 242 5.74 -16.33 -29.41
N ARG B 243 7.04 -16.24 -29.70
CA ARG B 243 7.73 -17.12 -30.66
C ARG B 243 7.94 -18.59 -30.24
N ASP B 244 8.30 -18.81 -28.98
CA ASP B 244 8.57 -20.15 -28.45
C ASP B 244 7.31 -20.97 -28.22
N PHE B 245 6.18 -20.31 -28.01
CA PHE B 245 4.96 -21.01 -27.61
C PHE B 245 3.87 -20.92 -28.68
N GLY B 246 4.28 -20.54 -29.89
CA GLY B 246 3.43 -20.63 -31.07
C GLY B 246 2.13 -19.86 -31.03
N VAL B 247 2.21 -18.60 -30.62
CA VAL B 247 1.05 -17.72 -30.64
C VAL B 247 1.46 -16.43 -31.31
N SER B 248 0.54 -15.47 -31.35
CA SER B 248 0.84 -14.18 -31.95
C SER B 248 0.53 -13.04 -30.98
N GLU B 249 1.17 -11.90 -31.18
CA GLU B 249 0.94 -10.73 -30.33
C GLU B 249 -0.21 -9.89 -30.86
N PHE B 250 -1.12 -9.53 -29.97
CA PHE B 250 -2.10 -8.49 -30.28
C PHE B 250 -1.49 -7.15 -29.89
N PRO B 251 -1.20 -6.31 -30.88
CA PRO B 251 -0.49 -5.03 -30.66
C PRO B 251 -1.23 -4.07 -29.73
N LEU B 252 -0.48 -3.37 -28.90
CA LEU B 252 -1.02 -2.43 -27.93
C LEU B 252 0.03 -1.39 -27.59
N ASP B 253 -0.32 -0.12 -27.74
CA ASP B 253 0.61 0.97 -27.44
C ASP B 253 -0.07 2.10 -26.66
N ALA B 254 -1.39 2.09 -26.64
CA ALA B 254 -2.18 3.20 -26.12
C ALA B 254 -1.95 3.46 -24.63
N ILE B 255 -1.65 2.40 -23.88
CA ILE B 255 -1.50 2.54 -22.43
C ILE B 255 -0.23 1.87 -21.91
N THR B 256 0.20 2.31 -20.74
CA THR B 256 1.28 1.66 -19.99
C THR B 256 0.78 1.35 -18.58
N ILE B 257 1.65 0.77 -17.76
CA ILE B 257 1.26 0.46 -16.38
C ILE B 257 1.27 1.72 -15.53
N GLU B 258 1.68 2.84 -16.10
CA GLU B 258 1.69 4.12 -15.40
C GLU B 258 0.58 5.03 -15.91
N THR B 259 -0.18 4.55 -16.88
CA THR B 259 -1.38 5.22 -17.34
C THR B 259 -2.40 5.24 -16.20
N PRO B 260 -3.05 6.39 -15.97
CA PRO B 260 -4.09 6.52 -14.94
C PRO B 260 -5.16 5.43 -15.04
N LEU B 261 -5.61 4.93 -13.90
CA LEU B 261 -6.44 3.73 -13.84
C LEU B 261 -7.80 3.90 -14.52
N ASP B 262 -8.40 5.07 -14.37
CA ASP B 262 -9.70 5.35 -14.97
C ASP B 262 -9.63 5.23 -16.49
N LYS B 263 -8.49 5.60 -17.04
CA LYS B 263 -8.29 5.57 -18.49
C LYS B 263 -7.90 4.18 -18.96
N ILE B 264 -7.25 3.41 -18.08
CA ILE B 264 -7.01 1.99 -18.34
C ILE B 264 -8.34 1.27 -18.45
N ARG B 265 -9.21 1.50 -17.47
CA ARG B 265 -10.56 0.93 -17.47
C ARG B 265 -11.30 1.26 -18.76
N ASP B 266 -11.34 2.54 -19.11
CA ASP B 266 -11.95 3.00 -20.34
C ASP B 266 -11.37 2.25 -21.54
N PHE B 267 -10.06 2.12 -21.57
CA PHE B 267 -9.38 1.42 -22.66
C PHE B 267 -9.77 -0.05 -22.72
N GLY B 268 -9.84 -0.69 -21.56
CA GLY B 268 -10.13 -2.11 -21.49
C GLY B 268 -11.54 -2.42 -21.96
N LYS B 269 -12.45 -1.48 -21.72
CA LYS B 269 -13.84 -1.62 -22.13
C LYS B 269 -13.96 -1.53 -23.65
N ARG B 270 -13.37 -0.49 -24.23
CA ARG B 270 -13.41 -0.29 -25.67
C ARG B 270 -12.74 -1.43 -26.42
N LEU B 271 -11.70 -2.01 -25.82
CA LEU B 271 -10.94 -3.09 -26.43
C LEU B 271 -11.76 -4.37 -26.63
N MET B 272 -12.53 -4.75 -25.60
CA MET B 272 -13.32 -6.00 -25.61
C MET B 272 -14.64 -5.84 -26.37
N GLN B 273 -14.90 -4.60 -26.79
CA GLN B 273 -16.05 -4.20 -27.61
C GLN B 273 -15.73 -4.11 -29.06
N SER B 274 -14.45 -4.21 -29.40
CA SER B 274 -14.03 -4.28 -30.78
C SER B 274 -14.36 -5.68 -31.31
N ASP B 275 -14.19 -5.83 -32.59
CA ASP B 275 -14.33 -7.13 -33.14
C ASP B 275 -12.98 -7.83 -33.20
N ASP B 276 -11.96 -7.01 -33.17
CA ASP B 276 -10.61 -7.49 -33.18
C ASP B 276 -10.25 -7.34 -31.78
N ARG B 277 -10.16 -8.44 -31.08
CA ARG B 277 -9.76 -8.40 -29.66
C ARG B 277 -8.78 -9.52 -29.33
N PRO B 278 -7.91 -9.27 -28.34
CA PRO B 278 -7.03 -10.34 -27.85
C PRO B 278 -7.79 -11.30 -26.96
N ASP B 279 -7.30 -12.52 -26.80
CA ASP B 279 -7.93 -13.46 -25.87
C ASP B 279 -7.02 -13.73 -24.68
N GLY B 280 -5.89 -13.02 -24.63
CA GLY B 280 -4.98 -13.12 -23.50
C GLY B 280 -4.28 -11.81 -23.20
N ILE B 281 -4.05 -11.55 -21.91
CA ILE B 281 -3.40 -10.32 -21.48
C ILE B 281 -2.27 -10.63 -20.50
N VAL B 282 -1.10 -10.05 -20.74
CA VAL B 282 -0.01 -10.07 -19.76
C VAL B 282 0.14 -8.68 -19.16
N SER B 283 0.00 -8.59 -17.84
CA SER B 283 0.12 -7.30 -17.16
C SER B 283 1.38 -7.25 -16.28
N ILE B 284 2.08 -6.12 -16.32
CA ILE B 284 3.28 -5.92 -15.52
C ILE B 284 2.93 -5.14 -14.25
N SER B 285 1.64 -4.91 -14.02
CA SER B 285 1.22 -4.19 -12.82
C SER B 285 -0.12 -4.69 -12.28
N GLY B 286 -0.12 -5.06 -10.99
CA GLY B 286 -1.34 -5.40 -10.28
C GLY B 286 -2.37 -4.29 -10.32
N SER B 287 -1.90 -3.04 -10.30
CA SER B 287 -2.77 -1.88 -10.35
C SER B 287 -3.52 -1.79 -11.69
N SER B 288 -2.75 -1.92 -12.78
CA SER B 288 -3.33 -1.87 -14.13
C SER B 288 -4.34 -2.99 -14.35
N THR B 289 -4.05 -4.16 -13.80
CA THR B 289 -4.92 -5.33 -13.97
C THR B 289 -6.30 -5.06 -13.40
N ILE B 290 -6.33 -4.52 -12.18
CA ILE B 290 -7.56 -4.12 -11.52
C ILE B 290 -8.43 -3.23 -12.41
N ALA B 291 -7.83 -2.17 -12.95
CA ALA B 291 -8.52 -1.25 -13.85
C ALA B 291 -8.98 -1.97 -15.13
N LEU B 292 -8.10 -2.79 -15.69
CA LEU B 292 -8.41 -3.54 -16.91
C LEU B 292 -9.63 -4.44 -16.76
N VAL B 293 -9.61 -5.25 -15.70
CA VAL B 293 -10.68 -6.20 -15.41
C VAL B 293 -12.00 -5.46 -15.28
N ALA B 294 -11.96 -4.30 -14.62
CA ALA B 294 -13.13 -3.44 -14.48
C ALA B 294 -13.70 -3.10 -15.86
N GLY B 295 -12.83 -2.65 -16.75
CA GLY B 295 -13.25 -2.32 -18.10
C GLY B 295 -13.71 -3.52 -18.90
N PHE B 296 -13.05 -4.66 -18.69
CA PHE B 296 -13.41 -5.89 -19.38
C PHE B 296 -14.82 -6.32 -18.99
N GLU B 297 -15.07 -6.40 -17.69
CA GLU B 297 -16.37 -6.81 -17.16
C GLU B 297 -17.48 -5.85 -17.55
N ALA B 298 -17.14 -4.57 -17.64
CA ALA B 298 -18.09 -3.55 -18.08
C ALA B 298 -18.50 -3.75 -19.54
N ALA B 299 -17.75 -4.59 -20.25
CA ALA B 299 -18.03 -4.87 -21.65
C ALA B 299 -18.67 -6.25 -21.82
N GLY B 300 -18.97 -6.90 -20.71
CA GLY B 300 -19.65 -8.18 -20.74
C GLY B 300 -18.73 -9.38 -20.71
N VAL B 301 -17.45 -9.14 -20.98
CA VAL B 301 -16.46 -10.21 -21.04
C VAL B 301 -16.29 -10.86 -19.67
N ARG B 302 -16.22 -12.19 -19.64
CA ARG B 302 -16.06 -12.92 -18.40
C ARG B 302 -14.63 -13.46 -18.27
N ILE B 303 -13.96 -13.05 -17.20
CA ILE B 303 -12.56 -13.40 -16.98
C ILE B 303 -12.40 -14.91 -16.79
N GLY B 304 -11.59 -15.52 -17.64
CA GLY B 304 -11.33 -16.94 -17.57
C GLY B 304 -12.06 -17.75 -18.62
N LYS B 305 -13.12 -17.20 -19.19
CA LYS B 305 -13.80 -17.83 -20.31
C LYS B 305 -13.44 -17.16 -21.64
N ASP B 306 -13.81 -15.90 -21.78
CA ASP B 306 -13.62 -15.16 -23.02
C ASP B 306 -12.20 -14.66 -23.17
N ILE B 307 -11.50 -14.55 -22.04
CA ILE B 307 -10.13 -14.05 -22.03
C ILE B 307 -9.45 -14.48 -20.74
N ASP B 308 -8.15 -14.72 -20.80
CA ASP B 308 -7.38 -14.99 -19.59
C ASP B 308 -6.39 -13.87 -19.29
N ILE B 309 -6.12 -13.64 -18.01
CA ILE B 309 -5.19 -12.61 -17.58
C ILE B 309 -4.09 -13.22 -16.72
N VAL B 310 -2.85 -12.86 -17.01
CA VAL B 310 -1.75 -13.13 -16.10
C VAL B 310 -1.25 -11.80 -15.55
N SER B 311 -1.08 -11.71 -14.23
CA SER B 311 -0.62 -10.47 -13.63
C SER B 311 0.38 -10.67 -12.49
N LYS B 312 1.37 -9.78 -12.45
CA LYS B 312 2.18 -9.57 -11.27
C LYS B 312 1.34 -8.96 -10.14
N GLN B 313 1.79 -9.16 -8.90
CA GLN B 313 1.27 -8.41 -7.77
C GLN B 313 2.33 -8.37 -6.68
N SER B 314 2.44 -7.23 -5.99
CA SER B 314 3.48 -7.04 -4.99
C SER B 314 2.99 -7.47 -3.63
N ALA B 315 1.72 -7.86 -3.57
CA ALA B 315 1.16 -8.56 -2.42
C ALA B 315 -0.01 -9.41 -2.90
N GLU B 316 -0.41 -10.38 -2.10
CA GLU B 316 -1.49 -11.29 -2.48
C GLU B 316 -2.85 -10.63 -2.34
N PHE B 317 -3.40 -10.13 -3.44
CA PHE B 317 -4.69 -9.44 -3.36
C PHE B 317 -5.64 -9.67 -4.54
N LEU B 318 -5.08 -9.96 -5.72
CA LEU B 318 -5.88 -10.01 -6.94
C LEU B 318 -6.94 -11.11 -6.96
N ASN B 319 -6.65 -12.24 -6.32
CA ASN B 319 -7.51 -13.42 -6.44
C ASN B 319 -8.68 -13.43 -5.46
N TRP B 320 -8.69 -12.50 -4.52
CA TRP B 320 -9.79 -12.42 -3.55
C TRP B 320 -11.14 -12.22 -4.24
N ILE B 321 -11.29 -11.15 -5.01
CA ILE B 321 -12.55 -10.93 -5.72
C ILE B 321 -12.46 -11.44 -7.17
N GLN B 322 -11.24 -11.56 -7.69
CA GLN B 322 -11.06 -12.14 -9.03
C GLN B 322 -10.17 -13.38 -9.02
N PRO B 323 -10.74 -14.53 -8.63
CA PRO B 323 -10.02 -15.80 -8.48
C PRO B 323 -9.51 -16.39 -9.80
N GLN B 324 -10.00 -15.88 -10.93
CA GLN B 324 -9.64 -16.44 -12.22
C GLN B 324 -8.42 -15.78 -12.86
N ILE B 325 -7.90 -14.74 -12.23
CA ILE B 325 -6.68 -14.11 -12.70
C ILE B 325 -5.50 -15.01 -12.35
N HIS B 326 -4.63 -15.27 -13.33
CA HIS B 326 -3.43 -16.05 -13.08
C HIS B 326 -2.38 -15.13 -12.48
N THR B 327 -2.03 -15.36 -11.22
CA THR B 327 -1.25 -14.39 -10.46
C THR B 327 0.17 -14.85 -10.15
N VAL B 328 1.11 -13.93 -10.30
CA VAL B 328 2.50 -14.16 -9.94
C VAL B 328 2.86 -13.20 -8.83
N ASN B 329 3.42 -13.74 -7.74
CA ASN B 329 3.83 -12.91 -6.61
C ASN B 329 5.22 -12.32 -6.83
N GLU B 330 5.33 -11.00 -6.65
CA GLU B 330 6.64 -10.37 -6.52
C GLU B 330 6.81 -9.99 -5.05
N ASP B 331 7.79 -10.60 -4.40
CA ASP B 331 7.95 -10.46 -2.96
C ASP B 331 8.68 -9.15 -2.63
N ILE B 332 7.90 -8.11 -2.35
CA ILE B 332 8.44 -6.77 -2.13
C ILE B 332 9.02 -6.69 -0.71
N LYS B 333 8.50 -7.52 0.18
CA LYS B 333 9.02 -7.65 1.54
C LYS B 333 10.44 -8.19 1.50
N LEU B 334 10.60 -9.32 0.83
CA LEU B 334 11.92 -9.92 0.60
C LEU B 334 12.87 -8.94 -0.09
N ALA B 335 12.35 -8.22 -1.07
CA ALA B 335 13.12 -7.21 -1.79
C ALA B 335 13.76 -6.23 -0.82
N GLY B 336 12.95 -5.68 0.07
CA GLY B 336 13.42 -4.74 1.09
C GLY B 336 14.53 -5.30 1.96
N ARG B 337 14.38 -6.55 2.39
CA ARG B 337 15.39 -7.23 3.18
C ARG B 337 16.70 -7.38 2.41
N GLU B 338 16.60 -7.81 1.16
CA GLU B 338 17.78 -8.04 0.33
C GLU B 338 18.52 -6.73 0.03
N LEU B 339 17.75 -5.67 -0.22
CA LEU B 339 18.34 -4.34 -0.46
C LEU B 339 19.15 -3.87 0.74
N ALA B 340 18.59 -4.05 1.94
CA ALA B 340 19.25 -3.62 3.17
C ALA B 340 20.52 -4.44 3.41
N LYS B 341 20.42 -5.76 3.28
CA LYS B 341 21.57 -6.65 3.47
C LYS B 341 22.74 -6.28 2.57
N ALA B 342 22.43 -6.10 1.28
CA ALA B 342 23.45 -5.77 0.29
C ALA B 342 24.12 -4.45 0.60
N LEU B 343 23.33 -3.45 0.95
CA LEU B 343 23.86 -2.11 1.22
C LEU B 343 24.75 -2.10 2.45
N LEU B 344 24.34 -2.85 3.48
CA LEU B 344 25.13 -2.93 4.71
C LEU B 344 26.50 -3.55 4.42
N ALA B 345 26.50 -4.61 3.61
CA ALA B 345 27.74 -5.26 3.21
C ALA B 345 28.58 -4.33 2.35
N ARG B 346 27.92 -3.62 1.44
CA ARG B 346 28.59 -2.67 0.56
C ARG B 346 29.26 -1.55 1.36
N ILE B 347 28.54 -1.02 2.34
CA ILE B 347 29.07 0.01 3.24
C ILE B 347 30.33 -0.49 3.92
N ASN B 348 30.34 -1.78 4.29
CA ASN B 348 31.47 -2.37 4.97
C ASN B 348 32.54 -2.89 4.00
N GLY B 349 32.35 -2.62 2.71
CA GLY B 349 33.42 -2.82 1.74
C GLY B 349 33.39 -4.10 0.92
N ALA B 350 32.32 -4.88 1.04
CA ALA B 350 32.18 -6.10 0.26
C ALA B 350 32.09 -5.77 -1.23
N PRO B 351 32.67 -6.64 -2.08
CA PRO B 351 32.65 -6.41 -3.52
C PRO B 351 31.24 -6.47 -4.10
N PRO B 352 30.89 -5.51 -4.97
CA PRO B 352 29.54 -5.37 -5.56
C PRO B 352 29.04 -6.64 -6.24
N GLU B 353 29.95 -7.36 -6.89
CA GLU B 353 29.60 -8.58 -7.64
C GLU B 353 28.98 -9.66 -6.74
N THR B 354 29.31 -9.64 -5.46
CA THR B 354 28.80 -10.63 -4.52
C THR B 354 27.46 -10.21 -3.90
N LEU B 355 27.03 -8.99 -4.20
CA LEU B 355 25.84 -8.43 -3.57
C LEU B 355 24.69 -8.26 -4.57
N GLN B 356 24.51 -9.27 -5.41
CA GLN B 356 23.50 -9.18 -6.47
C GLN B 356 22.58 -10.40 -6.42
N SER B 357 21.28 -10.16 -6.53
CA SER B 357 20.31 -11.24 -6.54
C SER B 357 19.11 -10.89 -7.41
N VAL B 358 18.49 -11.93 -7.97
CA VAL B 358 17.28 -11.77 -8.76
C VAL B 358 16.25 -12.78 -8.25
N SER B 359 15.10 -12.29 -7.82
CA SER B 359 14.04 -13.19 -7.37
C SER B 359 13.23 -13.62 -8.58
N ARG B 360 12.87 -14.91 -8.60
CA ARG B 360 12.17 -15.49 -9.74
C ARG B 360 10.66 -15.46 -9.55
N PRO B 361 9.91 -15.54 -10.67
CA PRO B 361 8.44 -15.63 -10.60
C PRO B 361 7.98 -16.87 -9.84
N VAL B 362 7.01 -16.68 -8.94
CA VAL B 362 6.31 -17.79 -8.33
C VAL B 362 4.82 -17.60 -8.53
N TRP B 363 4.14 -18.65 -8.95
CA TRP B 363 2.70 -18.57 -9.13
C TRP B 363 2.03 -18.53 -7.76
N SER B 364 1.12 -17.58 -7.59
CA SER B 364 0.41 -17.44 -6.33
C SER B 364 -0.43 -18.69 -6.12
N SER B 365 -0.44 -19.18 -4.89
CA SER B 365 -1.21 -20.36 -4.56
C SER B 365 -2.73 -20.15 -4.69
N MET B 366 -3.17 -18.90 -4.64
CA MET B 366 -4.56 -18.59 -4.91
C MET B 366 -4.87 -18.54 -6.41
N ALA B 367 -3.83 -18.64 -7.24
CA ALA B 367 -4.04 -18.65 -8.69
C ALA B 367 -4.56 -20.01 -9.11
N PRO B 368 -5.41 -20.04 -10.15
CA PRO B 368 -5.97 -21.30 -10.67
C PRO B 368 -4.89 -22.26 -11.16
N LYS B 369 -5.07 -23.55 -10.89
CA LYS B 369 -4.13 -24.57 -11.31
C LYS B 369 -4.64 -25.30 -12.55
#